data_8BN6
#
_entry.id   8BN6
#
_cell.length_a   45.200
_cell.length_b   115.650
_cell.length_c   38.630
_cell.angle_alpha   90.000
_cell.angle_beta   90.000
_cell.angle_gamma   90.000
#
_symmetry.space_group_name_H-M   'P 21 21 2'
#
loop_
_entity.id
_entity.type
_entity.pdbx_description
1 polymer 'DNA gyrase subunit B'
2 non-polymer 'CALCIUM ION'
3 non-polymer '2-[[3,4-bis(chloranyl)-5-methyl-1~{H}-pyrrol-2-yl]carbonylamino]-4-morpholin-4-yl-1,3-benzothiazole-6-carboxylic acid'
4 water water
#
_entity_poly.entity_id   1
_entity_poly.type   'polypeptide(L)'
_entity_poly.pdbx_seq_one_letter_code
;MSENNTYDSSSIKVLKGLDAVRKRPGMYIGDTDDGTGLHHMVFEVVDNSIDEALAGYCSEISITIHTDESITVRDNGRGI
PVDIHKEEGVSAAEVIMTVLHAGGKFDDNTYKVSGGLHGVGVSVVNALSHELRLTIRRHNKVWEQVYHHGVPQFPLREVG
ETDGSGTEVHFKPSPETFSNIHFSWDILAKRIRELSFLNSGVGILLRDERTGKEELFKYEG
;
_entity_poly.pdbx_strand_id   A
#
loop_
_chem_comp.id
_chem_comp.type
_chem_comp.name
_chem_comp.formula
CA non-polymer 'CALCIUM ION' 'Ca 2'
R53 non-polymer '2-[[3,4-bis(chloranyl)-5-methyl-1~{H}-pyrrol-2-yl]carbonylamino]-4-morpholin-4-yl-1,3-benzothiazole-6-carboxylic acid' 'C18 H16 Cl2 N4 O4 S'
#
# COMPACT_ATOMS: atom_id res chain seq x y z
N VAL A 14 -23.79 -10.12 10.47
CA VAL A 14 -22.36 -10.54 10.49
C VAL A 14 -21.65 -9.93 9.27
N LEU A 15 -20.66 -9.07 9.52
CA LEU A 15 -19.90 -8.39 8.48
C LEU A 15 -18.76 -9.28 7.98
N LYS A 16 -18.53 -9.26 6.66
CA LYS A 16 -17.44 -9.97 6.04
C LYS A 16 -16.68 -8.96 5.17
N GLY A 17 -15.53 -9.38 4.62
CA GLY A 17 -14.76 -8.58 3.67
C GLY A 17 -14.26 -7.26 4.25
N LEU A 18 -14.29 -6.20 3.43
CA LEU A 18 -13.77 -4.90 3.83
C LEU A 18 -14.74 -4.21 4.79
N ASP A 19 -15.98 -4.68 4.85
CA ASP A 19 -16.94 -4.16 5.82
C ASP A 19 -16.44 -4.45 7.22
N ALA A 20 -15.95 -5.68 7.43
CA ALA A 20 -15.41 -6.09 8.71
C ALA A 20 -14.21 -5.20 9.07
N VAL A 21 -13.39 -4.86 8.09
CA VAL A 21 -12.17 -4.08 8.30
C VAL A 21 -12.52 -2.65 8.77
N ARG A 22 -13.49 -1.99 8.11
N ARG A 22 -13.50 -2.03 8.08
CA ARG A 22 -13.84 -0.61 8.43
CA ARG A 22 -13.91 -0.66 8.35
C ARG A 22 -14.58 -0.54 9.77
C ARG A 22 -14.58 -0.55 9.73
N LYS A 23 -15.25 -1.62 10.13
CA LYS A 23 -15.94 -1.72 11.40
C LYS A 23 -14.97 -1.88 12.57
N ARG A 24 -13.95 -2.75 12.39
CA ARG A 24 -12.99 -3.06 13.45
C ARG A 24 -11.57 -2.97 12.93
N PRO A 25 -11.15 -1.75 12.54
CA PRO A 25 -9.85 -1.59 11.89
C PRO A 25 -8.66 -2.05 12.77
N GLY A 26 -8.82 -1.92 14.09
CA GLY A 26 -7.80 -2.37 15.04
C GLY A 26 -7.45 -3.84 14.90
N MET A 27 -8.40 -4.70 14.53
CA MET A 27 -8.14 -6.12 14.36
C MET A 27 -7.27 -6.40 13.14
N TYR A 28 -7.02 -5.38 12.30
CA TYR A 28 -6.27 -5.58 11.06
C TYR A 28 -5.00 -4.73 11.06
N ILE A 29 -5.12 -3.44 11.34
CA ILE A 29 -4.00 -2.53 11.16
C ILE A 29 -3.33 -2.19 12.48
N GLY A 30 -3.95 -2.49 13.62
CA GLY A 30 -3.47 -2.03 14.92
C GLY A 30 -4.10 -0.70 15.37
N ASP A 31 -3.57 -0.16 16.48
CA ASP A 31 -4.16 0.99 17.16
C ASP A 31 -4.26 2.19 16.23
N THR A 32 -5.48 2.75 16.11
CA THR A 32 -5.78 3.78 15.13
C THR A 32 -5.59 5.19 15.69
N ASP A 33 -5.15 5.32 16.96
CA ASP A 33 -5.00 6.61 17.63
C ASP A 33 -3.55 6.91 18.03
N ASP A 34 -2.72 5.87 18.23
CA ASP A 34 -1.40 6.15 18.80
C ASP A 34 -0.29 6.12 17.75
N GLY A 35 -0.63 6.00 16.46
CA GLY A 35 0.34 6.07 15.37
C GLY A 35 0.79 4.70 14.84
N THR A 36 0.52 3.64 15.60
CA THR A 36 0.85 2.26 15.23
C THR A 36 0.21 1.83 13.90
N GLY A 37 -1.12 1.91 13.84
CA GLY A 37 -1.87 1.50 12.67
C GLY A 37 -1.51 2.40 11.49
N LEU A 38 -1.35 3.69 11.80
CA LEU A 38 -1.10 4.67 10.76
C LEU A 38 0.20 4.33 10.03
N HIS A 39 1.28 4.00 10.77
CA HIS A 39 2.55 3.72 10.13
C HIS A 39 2.52 2.34 9.51
N HIS A 40 1.80 1.41 10.12
CA HIS A 40 1.58 0.11 9.49
C HIS A 40 0.98 0.25 8.08
N MET A 41 0.06 1.21 7.81
CA MET A 41 -0.47 1.43 6.46
C MET A 41 0.65 1.58 5.43
N VAL A 42 1.67 2.39 5.77
CA VAL A 42 2.77 2.64 4.86
C VAL A 42 3.51 1.32 4.62
N PHE A 43 3.81 0.59 5.70
CA PHE A 43 4.67 -0.58 5.59
C PHE A 43 3.93 -1.71 4.86
N GLU A 44 2.61 -1.76 4.95
CA GLU A 44 1.85 -2.79 4.22
C GLU A 44 1.98 -2.55 2.72
N VAL A 45 1.98 -1.29 2.30
CA VAL A 45 2.17 -0.97 0.90
C VAL A 45 3.63 -1.25 0.49
N VAL A 46 4.60 -0.72 1.26
CA VAL A 46 6.02 -0.89 0.96
C VAL A 46 6.40 -2.37 0.89
N ASP A 47 5.83 -3.21 1.77
CA ASP A 47 6.21 -4.61 1.77
C ASP A 47 5.91 -5.29 0.43
N ASN A 48 4.88 -4.83 -0.29
CA ASN A 48 4.55 -5.42 -1.58
C ASN A 48 5.65 -5.07 -2.60
N SER A 49 6.18 -3.85 -2.50
CA SER A 49 7.30 -3.45 -3.34
C SER A 49 8.53 -4.29 -2.99
N ILE A 50 8.73 -4.53 -1.67
CA ILE A 50 9.89 -5.29 -1.22
C ILE A 50 9.78 -6.72 -1.75
N ASP A 51 8.55 -7.23 -1.87
CA ASP A 51 8.34 -8.54 -2.48
C ASP A 51 8.92 -8.56 -3.90
N GLU A 52 8.69 -7.48 -4.64
CA GLU A 52 9.23 -7.38 -5.99
C GLU A 52 10.76 -7.33 -5.95
N ALA A 53 11.33 -6.68 -4.91
CA ALA A 53 12.78 -6.60 -4.78
C ALA A 53 13.37 -7.98 -4.54
N LEU A 54 12.72 -8.74 -3.64
CA LEU A 54 13.23 -10.04 -3.26
C LEU A 54 13.19 -10.97 -4.48
N ALA A 55 12.14 -10.82 -5.30
CA ALA A 55 11.93 -11.65 -6.49
C ALA A 55 12.90 -11.23 -7.62
N GLY A 56 13.62 -10.12 -7.42
CA GLY A 56 14.64 -9.62 -8.33
C GLY A 56 14.11 -8.72 -9.45
N TYR A 57 12.96 -8.07 -9.24
CA TYR A 57 12.35 -7.23 -10.25
C TYR A 57 12.35 -5.75 -9.89
N CYS A 58 12.68 -5.42 -8.65
CA CYS A 58 12.56 -4.05 -8.18
C CYS A 58 13.91 -3.59 -7.62
N SER A 59 14.37 -2.41 -8.08
CA SER A 59 15.58 -1.79 -7.58
C SER A 59 15.36 -0.40 -6.98
N GLU A 60 14.16 0.17 -7.14
CA GLU A 60 13.85 1.53 -6.71
C GLU A 60 12.48 1.57 -6.04
N ILE A 61 12.44 2.08 -4.81
CA ILE A 61 11.22 2.39 -4.08
C ILE A 61 11.30 3.82 -3.58
N SER A 62 10.25 4.62 -3.83
CA SER A 62 10.14 5.93 -3.20
C SER A 62 8.91 5.99 -2.30
N ILE A 63 9.07 6.64 -1.14
CA ILE A 63 8.01 6.88 -0.19
C ILE A 63 7.97 8.38 0.07
N THR A 64 6.83 9.00 -0.23
CA THR A 64 6.69 10.44 -0.08
C THR A 64 5.58 10.75 0.93
N ILE A 65 5.89 11.57 1.95
CA ILE A 65 4.88 12.15 2.83
C ILE A 65 4.54 13.54 2.30
N HIS A 66 3.27 13.71 1.99
CA HIS A 66 2.77 14.96 1.46
C HIS A 66 2.28 15.88 2.57
N THR A 67 2.13 17.18 2.25
CA THR A 67 1.79 18.20 3.22
C THR A 67 0.40 18.00 3.82
N ASP A 68 -0.48 17.24 3.15
CA ASP A 68 -1.77 16.87 3.68
C ASP A 68 -1.73 15.53 4.43
N GLU A 69 -0.53 15.04 4.76
CA GLU A 69 -0.38 13.79 5.51
C GLU A 69 -0.91 12.60 4.69
N SER A 70 -0.80 12.71 3.37
CA SER A 70 -1.05 11.58 2.49
C SER A 70 0.32 10.97 2.16
N ILE A 71 0.31 9.79 1.50
CA ILE A 71 1.50 9.02 1.20
C ILE A 71 1.47 8.59 -0.26
N THR A 72 2.64 8.64 -0.91
CA THR A 72 2.80 8.04 -2.22
C THR A 72 3.96 7.07 -2.17
N VAL A 73 3.69 5.80 -2.46
CA VAL A 73 4.73 4.79 -2.63
C VAL A 73 4.80 4.44 -4.09
N ARG A 74 6.02 4.44 -4.64
CA ARG A 74 6.23 4.10 -6.03
C ARG A 74 7.38 3.13 -6.16
N ASP A 75 7.18 2.06 -6.94
CA ASP A 75 8.22 1.08 -7.21
C ASP A 75 8.40 0.91 -8.71
N ASN A 76 9.55 0.28 -9.08
CA ASN A 76 9.88 -0.07 -10.45
C ASN A 76 9.86 -1.58 -10.65
N GLY A 77 9.02 -2.28 -9.91
CA GLY A 77 8.82 -3.72 -10.13
C GLY A 77 7.97 -4.01 -11.36
N ARG A 78 7.30 -5.15 -11.38
CA ARG A 78 6.71 -5.63 -12.62
C ARG A 78 5.39 -4.91 -12.96
N GLY A 79 4.83 -4.26 -11.93
CA GLY A 79 3.48 -3.72 -12.00
C GLY A 79 2.46 -4.79 -11.59
N ILE A 80 1.51 -4.38 -10.74
CA ILE A 80 0.42 -5.29 -10.37
C ILE A 80 -0.24 -5.78 -11.65
N PRO A 81 -0.50 -7.11 -11.81
CA PRO A 81 -1.19 -7.61 -13.00
C PRO A 81 -2.53 -6.93 -13.27
N VAL A 82 -2.79 -6.68 -14.56
CA VAL A 82 -3.97 -5.95 -15.00
C VAL A 82 -4.94 -6.82 -15.80
N ASP A 83 -4.62 -8.07 -16.10
CA ASP A 83 -5.53 -8.91 -16.87
C ASP A 83 -6.86 -9.08 -16.13
N ILE A 84 -7.93 -9.23 -16.91
N ILE A 84 -7.94 -9.27 -16.87
CA ILE A 84 -9.24 -9.55 -16.37
CA ILE A 84 -9.25 -9.41 -16.27
C ILE A 84 -9.13 -10.87 -15.62
C ILE A 84 -9.38 -10.82 -15.68
N HIS A 85 -9.61 -10.89 -14.37
CA HIS A 85 -9.71 -12.11 -13.61
C HIS A 85 -10.93 -12.89 -14.06
N LYS A 86 -10.75 -14.18 -14.35
CA LYS A 86 -11.81 -14.99 -14.94
C LYS A 86 -13.02 -15.09 -14.01
N GLU A 87 -12.77 -15.21 -12.69
N GLU A 87 -12.77 -15.28 -12.70
CA GLU A 87 -13.82 -15.54 -11.72
CA GLU A 87 -13.91 -15.50 -11.82
C GLU A 87 -14.52 -14.27 -11.23
C GLU A 87 -14.58 -14.15 -11.58
N GLU A 88 -13.77 -13.16 -11.15
CA GLU A 88 -14.30 -11.90 -10.65
C GLU A 88 -14.74 -10.99 -11.79
N GLY A 89 -14.21 -11.19 -12.99
CA GLY A 89 -14.61 -10.40 -14.14
C GLY A 89 -14.18 -8.93 -14.03
N VAL A 90 -13.22 -8.65 -13.14
CA VAL A 90 -12.56 -7.35 -13.08
C VAL A 90 -11.06 -7.60 -13.17
N SER A 91 -10.29 -6.52 -13.34
CA SER A 91 -8.86 -6.61 -13.35
C SER A 91 -8.31 -7.33 -12.11
N ALA A 92 -7.20 -8.06 -12.27
CA ALA A 92 -6.54 -8.68 -11.14
C ALA A 92 -6.18 -7.63 -10.08
N ALA A 93 -5.70 -6.47 -10.55
CA ALA A 93 -5.36 -5.37 -9.67
C ALA A 93 -6.56 -4.97 -8.81
N GLU A 94 -7.77 -4.86 -9.39
CA GLU A 94 -8.95 -4.55 -8.58
C GLU A 94 -9.21 -5.68 -7.56
N VAL A 95 -9.07 -6.96 -7.95
CA VAL A 95 -9.29 -8.04 -7.00
C VAL A 95 -8.30 -7.92 -5.82
N ILE A 96 -7.01 -7.63 -6.10
CA ILE A 96 -6.00 -7.46 -5.07
C ILE A 96 -6.32 -6.28 -4.13
N MET A 97 -6.91 -5.22 -4.70
CA MET A 97 -7.21 -4.01 -3.94
C MET A 97 -8.47 -4.12 -3.10
N THR A 98 -9.40 -4.99 -3.47
CA THR A 98 -10.73 -4.94 -2.89
C THR A 98 -11.11 -6.23 -2.16
N VAL A 99 -10.28 -7.26 -2.25
CA VAL A 99 -10.66 -8.50 -1.61
C VAL A 99 -9.69 -8.73 -0.47
N LEU A 100 -10.24 -8.98 0.71
CA LEU A 100 -9.40 -9.30 1.85
C LEU A 100 -8.74 -10.68 1.62
N HIS A 101 -7.40 -10.74 1.59
CA HIS A 101 -6.72 -12.00 1.26
C HIS A 101 -6.88 -12.98 2.43
N ALA A 102 -7.29 -14.22 2.13
CA ALA A 102 -7.64 -15.19 3.16
C ALA A 102 -6.56 -16.28 3.29
N GLY A 103 -5.49 -16.18 2.49
CA GLY A 103 -4.47 -17.21 2.45
C GLY A 103 -3.67 -17.29 3.76
N GLY A 104 -3.57 -16.18 4.48
CA GLY A 104 -2.74 -16.12 5.68
C GLY A 104 -3.51 -16.47 6.96
N LYS A 105 -4.81 -16.77 6.84
CA LYS A 105 -5.69 -16.77 8.00
C LYS A 105 -5.27 -17.88 8.96
N PHE A 106 -4.65 -18.95 8.45
CA PHE A 106 -4.24 -20.06 9.27
C PHE A 106 -2.72 -20.22 9.26
N ASP A 107 -2.01 -19.12 9.00
CA ASP A 107 -0.55 -19.09 9.11
C ASP A 107 -0.15 -18.33 10.37
N ASP A 108 0.79 -18.94 11.10
CA ASP A 108 1.42 -18.43 12.32
C ASP A 108 1.85 -16.98 12.16
N ASN A 109 2.46 -16.63 11.02
CA ASN A 109 3.12 -15.33 10.87
C ASN A 109 2.12 -14.18 10.69
N THR A 110 0.82 -14.49 10.51
CA THR A 110 -0.21 -13.45 10.33
C THR A 110 -0.50 -12.70 11.64
N TYR A 111 -0.45 -13.42 12.77
CA TYR A 111 -0.95 -12.95 14.08
C TYR A 111 0.19 -12.35 14.90
N LYS A 112 0.00 -11.08 15.30
CA LYS A 112 0.95 -10.36 16.13
C LYS A 112 0.48 -10.37 17.58
N VAL A 113 1.43 -10.26 18.50
CA VAL A 113 1.13 -10.02 19.90
C VAL A 113 0.31 -8.74 20.04
N SER A 114 0.69 -7.70 19.31
CA SER A 114 -0.04 -6.44 19.30
C SER A 114 0.24 -5.69 18.00
N GLY A 115 -0.67 -4.78 17.61
CA GLY A 115 -0.49 -4.02 16.40
C GLY A 115 -1.19 -4.64 15.18
N GLY A 116 -2.22 -5.47 15.45
CA GLY A 116 -3.12 -6.02 14.43
C GLY A 116 -2.56 -7.29 13.78
N LEU A 117 -2.52 -7.30 12.44
CA LEU A 117 -2.07 -8.48 11.70
C LEU A 117 -0.81 -8.13 10.91
N HIS A 118 0.01 -9.15 10.65
CA HIS A 118 1.14 -8.97 9.76
C HIS A 118 0.77 -9.52 8.39
N GLY A 119 1.14 -8.81 7.32
CA GLY A 119 0.81 -9.19 5.96
C GLY A 119 -0.69 -9.09 5.66
N VAL A 120 -1.34 -8.03 6.15
N VAL A 120 -1.32 -8.00 6.11
CA VAL A 120 -2.79 -7.86 6.02
CA VAL A 120 -2.77 -7.86 6.05
C VAL A 120 -3.16 -7.71 4.54
C VAL A 120 -3.22 -7.50 4.64
N GLY A 121 -2.29 -7.06 3.78
CA GLY A 121 -2.60 -6.79 2.38
C GLY A 121 -2.95 -5.32 2.15
N VAL A 122 -2.68 -4.89 0.91
CA VAL A 122 -3.00 -3.54 0.51
C VAL A 122 -4.53 -3.30 0.52
N SER A 123 -5.38 -4.34 0.44
CA SER A 123 -6.81 -4.12 0.44
C SER A 123 -7.29 -3.49 1.76
N VAL A 124 -6.55 -3.75 2.85
CA VAL A 124 -6.84 -3.14 4.15
C VAL A 124 -6.43 -1.67 4.15
N VAL A 125 -5.28 -1.34 3.58
CA VAL A 125 -4.88 0.05 3.38
C VAL A 125 -5.95 0.80 2.59
N ASN A 126 -6.40 0.17 1.51
CA ASN A 126 -7.44 0.69 0.63
C ASN A 126 -8.72 0.97 1.44
N ALA A 127 -9.23 -0.03 2.19
CA ALA A 127 -10.45 0.13 2.98
C ALA A 127 -10.41 1.32 3.94
N LEU A 128 -9.23 1.63 4.48
CA LEU A 128 -9.07 2.60 5.55
C LEU A 128 -8.52 3.92 5.01
N SER A 129 -8.51 4.09 3.68
CA SER A 129 -8.12 5.32 3.01
C SER A 129 -9.35 5.99 2.38
N HIS A 130 -9.53 7.30 2.62
CA HIS A 130 -10.67 7.97 2.00
C HIS A 130 -10.45 8.14 0.50
N GLU A 131 -9.21 8.08 0.07
CA GLU A 131 -8.88 8.07 -1.34
C GLU A 131 -7.62 7.24 -1.51
N LEU A 132 -7.63 6.41 -2.55
CA LEU A 132 -6.44 5.66 -2.95
C LEU A 132 -6.41 5.68 -4.48
N ARG A 133 -5.26 6.10 -5.01
N ARG A 133 -5.30 6.15 -5.03
CA ARG A 133 -5.04 6.26 -6.45
CA ARG A 133 -5.10 6.22 -6.46
C ARG A 133 -3.97 5.25 -6.85
C ARG A 133 -4.00 5.22 -6.82
N LEU A 134 -4.32 4.33 -7.75
CA LEU A 134 -3.44 3.28 -8.22
C LEU A 134 -3.05 3.59 -9.66
N THR A 135 -1.74 3.57 -9.94
CA THR A 135 -1.18 3.76 -11.28
C THR A 135 -0.18 2.63 -11.55
N ILE A 136 -0.48 1.81 -12.55
CA ILE A 136 0.35 0.68 -12.89
C ILE A 136 0.96 0.92 -14.26
N ARG A 137 2.26 0.66 -14.37
N ARG A 137 2.26 0.65 -14.38
CA ARG A 137 2.97 0.58 -15.63
CA ARG A 137 2.96 0.59 -15.64
C ARG A 137 3.28 -0.89 -15.86
C ARG A 137 3.30 -0.88 -15.88
N ARG A 138 2.65 -1.47 -16.89
CA ARG A 138 2.78 -2.87 -17.23
C ARG A 138 2.42 -3.10 -18.69
N HIS A 139 3.20 -3.97 -19.35
CA HIS A 139 3.02 -4.27 -20.77
C HIS A 139 3.08 -2.98 -21.62
N ASN A 140 3.93 -2.03 -21.26
CA ASN A 140 4.12 -0.79 -21.99
C ASN A 140 2.86 0.07 -22.00
N LYS A 141 1.93 -0.16 -21.07
CA LYS A 141 0.80 0.74 -20.87
C LYS A 141 0.75 1.26 -19.45
N VAL A 142 0.10 2.41 -19.30
CA VAL A 142 -0.20 2.97 -18.00
C VAL A 142 -1.68 2.72 -17.75
N TRP A 143 -1.98 2.22 -16.53
CA TRP A 143 -3.34 1.93 -16.09
C TRP A 143 -3.62 2.64 -14.75
N GLU A 144 -4.84 3.18 -14.59
N GLU A 144 -4.86 3.12 -14.57
CA GLU A 144 -5.19 3.89 -13.37
CA GLU A 144 -5.19 3.91 -13.39
C GLU A 144 -6.54 3.43 -12.85
C GLU A 144 -6.55 3.45 -12.84
N GLN A 145 -6.63 3.33 -11.52
CA GLN A 145 -7.89 3.11 -10.83
C GLN A 145 -7.87 4.02 -9.61
N VAL A 146 -9.06 4.54 -9.24
CA VAL A 146 -9.21 5.32 -8.01
C VAL A 146 -10.28 4.66 -7.16
N TYR A 147 -10.06 4.69 -5.85
CA TYR A 147 -10.98 4.12 -4.88
C TYR A 147 -11.22 5.14 -3.76
N HIS A 148 -12.32 4.95 -3.06
CA HIS A 148 -12.67 5.72 -1.87
C HIS A 148 -13.21 4.78 -0.82
N HIS A 149 -12.57 4.75 0.34
CA HIS A 149 -12.91 3.81 1.41
C HIS A 149 -13.01 2.39 0.87
N GLY A 150 -12.14 2.04 -0.10
CA GLY A 150 -12.03 0.69 -0.65
C GLY A 150 -12.96 0.39 -1.85
N VAL A 151 -13.86 1.32 -2.21
CA VAL A 151 -14.82 1.10 -3.26
C VAL A 151 -14.27 1.72 -4.55
N PRO A 152 -14.12 0.95 -5.64
CA PRO A 152 -13.65 1.51 -6.91
C PRO A 152 -14.64 2.56 -7.45
N GLN A 153 -14.10 3.71 -7.87
CA GLN A 153 -14.90 4.74 -8.54
C GLN A 153 -15.25 4.34 -9.97
N PHE A 154 -14.34 3.63 -10.62
CA PHE A 154 -14.46 3.19 -11.99
C PHE A 154 -13.50 2.02 -12.22
N PRO A 155 -13.72 1.17 -13.24
CA PRO A 155 -12.79 0.08 -13.55
C PRO A 155 -11.42 0.62 -13.93
N LEU A 156 -10.40 -0.21 -13.66
CA LEU A 156 -9.04 0.09 -14.08
C LEU A 156 -9.07 0.41 -15.56
N ARG A 157 -8.41 1.48 -15.96
CA ARG A 157 -8.43 1.82 -17.37
C ARG A 157 -7.07 2.25 -17.85
N GLU A 158 -6.87 2.09 -19.16
CA GLU A 158 -5.61 2.47 -19.78
C GLU A 158 -5.61 3.97 -20.03
N VAL A 159 -4.51 4.64 -19.66
CA VAL A 159 -4.46 6.09 -19.75
C VAL A 159 -3.19 6.57 -20.45
N GLY A 160 -2.37 5.68 -20.99
CA GLY A 160 -1.19 6.11 -21.72
C GLY A 160 -0.24 4.96 -21.97
N GLU A 161 0.93 5.31 -22.51
CA GLU A 161 1.95 4.36 -22.90
C GLU A 161 3.19 4.65 -22.08
N THR A 162 4.06 3.66 -21.94
CA THR A 162 5.23 3.79 -21.11
C THR A 162 6.26 2.79 -21.60
N ASP A 163 7.54 3.03 -21.34
CA ASP A 163 8.56 2.04 -21.66
C ASP A 163 9.09 1.35 -20.42
N GLY A 164 8.55 1.66 -19.23
CA GLY A 164 8.99 1.03 -18.00
C GLY A 164 7.85 0.26 -17.33
N SER A 165 8.11 -0.23 -16.13
CA SER A 165 7.12 -0.98 -15.41
C SER A 165 7.25 -0.73 -13.91
N GLY A 166 6.12 -0.83 -13.21
CA GLY A 166 6.07 -0.66 -11.78
C GLY A 166 4.70 -0.17 -11.31
N THR A 167 4.61 0.08 -10.02
CA THR A 167 3.37 0.36 -9.34
C THR A 167 3.51 1.60 -8.45
N GLU A 168 2.45 2.43 -8.47
CA GLU A 168 2.39 3.64 -7.67
C GLU A 168 1.05 3.62 -6.96
N VAL A 169 1.11 3.73 -5.63
CA VAL A 169 -0.06 3.86 -4.79
C VAL A 169 0.01 5.17 -4.00
N HIS A 170 -1.01 5.99 -4.16
CA HIS A 170 -1.19 7.21 -3.37
C HIS A 170 -2.38 6.98 -2.46
N PHE A 171 -2.22 7.13 -1.15
CA PHE A 171 -3.34 6.93 -0.24
C PHE A 171 -3.45 8.04 0.78
N LYS A 172 -4.70 8.42 1.07
CA LYS A 172 -5.04 9.38 2.09
C LYS A 172 -5.77 8.67 3.23
N PRO A 173 -5.11 8.47 4.40
CA PRO A 173 -5.76 7.79 5.53
C PRO A 173 -7.08 8.43 5.89
N SER A 174 -8.09 7.60 6.20
CA SER A 174 -9.41 8.10 6.48
C SER A 174 -9.46 8.62 7.91
N PRO A 175 -9.90 9.89 8.12
N PRO A 175 -9.89 9.89 8.13
CA PRO A 175 -9.92 10.50 9.46
CA PRO A 175 -10.38 10.30 9.45
C PRO A 175 -11.00 9.88 10.33
C PRO A 175 -11.59 9.55 10.00
N GLU A 176 -11.90 9.14 9.68
N GLU A 176 -12.31 8.77 9.18
CA GLU A 176 -13.01 8.49 10.33
CA GLU A 176 -13.36 7.93 9.75
C GLU A 176 -12.54 7.15 10.93
C GLU A 176 -12.72 6.87 10.65
N THR A 177 -11.42 6.61 10.42
CA THR A 177 -10.72 5.47 11.03
C THR A 177 -9.62 5.92 12.01
N PHE A 178 -8.76 6.86 11.57
CA PHE A 178 -7.59 7.30 12.30
C PHE A 178 -7.79 8.67 12.95
N SER A 179 -7.31 8.82 14.19
CA SER A 179 -7.11 10.13 14.79
C SER A 179 -5.61 10.43 14.80
N ASN A 180 -5.24 11.67 15.09
CA ASN A 180 -3.84 12.06 15.23
C ASN A 180 -3.05 11.71 13.97
N ILE A 181 -3.55 12.14 12.79
CA ILE A 181 -2.96 11.75 11.52
C ILE A 181 -1.73 12.63 11.27
N HIS A 182 -0.57 12.12 11.70
N HIS A 182 -0.61 12.19 11.86
CA HIS A 182 0.69 12.84 11.57
CA HIS A 182 0.72 12.76 11.68
C HIS A 182 1.84 11.83 11.51
C HIS A 182 1.68 11.63 11.42
N PHE A 183 2.37 11.68 10.30
CA PHE A 183 3.43 10.72 10.04
C PHE A 183 4.73 11.18 10.69
N SER A 184 5.53 10.19 11.11
CA SER A 184 6.81 10.38 11.76
C SER A 184 7.90 9.92 10.83
N TRP A 185 8.75 10.86 10.40
CA TRP A 185 9.95 10.55 9.66
C TRP A 185 10.75 9.45 10.37
N ASP A 186 10.95 9.62 11.68
CA ASP A 186 11.80 8.70 12.42
C ASP A 186 11.22 7.29 12.42
N ILE A 187 9.91 7.11 12.57
CA ILE A 187 9.36 5.75 12.58
C ILE A 187 9.56 5.10 11.21
N LEU A 188 9.25 5.84 10.14
CA LEU A 188 9.45 5.30 8.79
C LEU A 188 10.93 4.99 8.51
N ALA A 189 11.84 5.92 8.78
CA ALA A 189 13.25 5.75 8.50
C ALA A 189 13.82 4.53 9.24
N LYS A 190 13.33 4.28 10.45
CA LYS A 190 13.91 3.21 11.23
C LYS A 190 13.64 1.88 10.52
N ARG A 191 12.40 1.68 10.08
CA ARG A 191 12.06 0.46 9.35
C ARG A 191 12.75 0.43 7.98
N ILE A 192 12.80 1.56 7.30
CA ILE A 192 13.38 1.61 5.96
C ILE A 192 14.87 1.20 6.03
N ARG A 193 15.58 1.65 7.07
N ARG A 193 15.59 1.61 7.09
CA ARG A 193 16.96 1.25 7.26
CA ARG A 193 16.99 1.23 7.21
C ARG A 193 17.03 -0.27 7.27
C ARG A 193 17.14 -0.27 7.38
N GLU A 194 16.19 -0.90 8.10
CA GLU A 194 16.13 -2.36 8.20
C GLU A 194 15.87 -3.01 6.85
N LEU A 195 14.87 -2.51 6.09
CA LEU A 195 14.50 -3.08 4.80
C LEU A 195 15.63 -2.92 3.80
N SER A 196 16.37 -1.80 3.89
CA SER A 196 17.45 -1.51 2.96
C SER A 196 18.60 -2.49 3.22
N PHE A 197 18.79 -2.76 4.51
CA PHE A 197 19.84 -3.65 4.94
C PHE A 197 19.59 -5.05 4.37
N LEU A 198 18.34 -5.49 4.48
CA LEU A 198 17.96 -6.85 4.13
C LEU A 198 17.94 -7.06 2.61
N ASN A 199 17.59 -6.00 1.87
CA ASN A 199 17.31 -6.02 0.45
C ASN A 199 18.31 -5.10 -0.27
N SER A 200 19.51 -5.61 -0.54
CA SER A 200 20.64 -4.76 -0.92
C SER A 200 20.53 -4.31 -2.38
N GLY A 201 19.65 -4.93 -3.17
CA GLY A 201 19.44 -4.56 -4.57
C GLY A 201 18.43 -3.44 -4.79
N VAL A 202 17.89 -2.87 -3.69
CA VAL A 202 16.90 -1.82 -3.80
C VAL A 202 17.39 -0.59 -3.04
N GLY A 203 17.29 0.57 -3.72
CA GLY A 203 17.43 1.86 -3.06
C GLY A 203 16.04 2.38 -2.68
N ILE A 204 15.91 2.85 -1.42
CA ILE A 204 14.64 3.33 -0.90
C ILE A 204 14.79 4.80 -0.56
N LEU A 205 14.02 5.64 -1.25
CA LEU A 205 14.04 7.07 -1.04
C LEU A 205 12.85 7.46 -0.19
N LEU A 206 13.14 8.18 0.90
CA LEU A 206 12.13 8.77 1.75
C LEU A 206 12.16 10.26 1.53
N ARG A 207 10.99 10.82 1.28
CA ARG A 207 10.85 12.22 0.93
C ARG A 207 9.72 12.81 1.79
N ASP A 208 10.05 13.89 2.51
CA ASP A 208 9.09 14.53 3.37
C ASP A 208 8.81 15.94 2.87
N GLU A 209 7.67 16.12 2.19
CA GLU A 209 7.35 17.43 1.63
C GLU A 209 6.91 18.42 2.71
N ARG A 210 6.68 17.97 3.94
CA ARG A 210 6.34 18.90 5.02
C ARG A 210 7.56 19.68 5.47
N THR A 211 8.73 19.03 5.56
CA THR A 211 9.94 19.59 6.11
C THR A 211 10.99 19.84 5.02
N GLY A 212 10.79 19.31 3.84
CA GLY A 212 11.76 19.45 2.78
C GLY A 212 12.89 18.40 2.85
N LYS A 213 12.75 17.39 3.70
CA LYS A 213 13.83 16.46 3.99
C LYS A 213 13.77 15.27 3.02
N GLU A 214 14.93 14.83 2.53
CA GLU A 214 14.99 13.66 1.66
C GLU A 214 16.20 12.84 2.02
N GLU A 215 16.10 11.52 1.93
CA GLU A 215 17.24 10.65 2.20
C GLU A 215 17.09 9.37 1.38
N LEU A 216 18.22 8.94 0.81
CA LEU A 216 18.25 7.70 0.06
C LEU A 216 18.91 6.63 0.93
N PHE A 217 18.17 5.54 1.15
CA PHE A 217 18.66 4.42 1.93
C PHE A 217 19.07 3.26 1.02
N LYS A 218 20.31 2.83 1.16
CA LYS A 218 20.89 1.80 0.31
C LYS A 218 21.93 1.03 1.14
N TYR A 219 21.93 -0.31 1.04
CA TYR A 219 22.79 -1.16 1.87
C TYR A 219 24.17 -0.53 2.10
CA CA B . 10.11 -2.59 -13.74
CA CA C . 3.38 -9.27 2.78
C4 R53 D . 3.23 -4.84 -6.48
C14 R53 D . 3.39 -11.19 -11.82
C5 R53 D . 2.83 -7.07 -7.30
C6 R53 D . 2.52 -9.03 -8.23
C11 R53 D . 0.36 -12.01 -7.82
C7 R53 D . 1.99 -10.33 -8.41
C8 R53 D . 1.94 -11.28 -6.18
C9 R53 D . 0.98 -11.70 -5.09
C10 R53 D . -0.60 -12.35 -6.70
C12 R53 D . 2.30 -11.03 -9.57
C13 R53 D . 3.07 -10.44 -10.57
N1 R53 D . 3.50 -2.61 -5.43
N2 R53 D . 2.64 -6.06 -6.38
C3 R53 D . 2.76 -3.77 -5.58
N3 R53 D . 2.28 -8.22 -7.13
C1 R53 D . 3.42 -0.42 -4.22
C2 R53 D . 2.87 -1.78 -4.56
O1 R53 D . 4.15 -4.63 -7.27
N4 R53 D . 1.21 -10.91 -7.39
O2 R53 D . 0.11 -12.75 -5.54
O3 R53 D . 3.85 -10.57 -12.79
O4 R53 D . 3.10 -12.42 -11.86
C15 R53 D . 3.61 -9.18 -10.36
C16 R53 D . 3.26 -8.46 -9.23
S1 R53 D . 3.76 -6.85 -8.78
C17 R53 D . 1.68 -3.67 -4.72
CL1 R53 D . 0.45 -4.81 -4.45
C18 R53 D . 1.77 -2.45 -4.08
CL2 R53 D . 0.60 -1.85 -2.98
#